data_5U25
#
_entry.id   5U25
#
_cell.length_a   142.660
_cell.length_b   142.660
_cell.length_c   70.390
_cell.angle_alpha   90.000
_cell.angle_beta   90.000
_cell.angle_gamma   90.000
#
_symmetry.space_group_name_H-M   'P 43 21 2'
#
loop_
_entity.id
_entity.type
_entity.pdbx_description
1 polymer 'Dihydrolipoamide dehydrogenase (E3 component of pyruvate and 2-oxoglutarate dehydrogenase complexes)'
2 non-polymer 'FLAVIN-ADENINE DINUCLEOTIDE'
3 non-polymer 'SULFATE ION'
4 non-polymer 1,2-ETHANEDIOL
5 water water
#
_entity_poly.entity_id   1
_entity_poly.type   'polypeptide(L)'
_entity_poly.pdbx_seq_one_letter_code
;MAHHHHHHMALVELKVPDIGGHENVDIIAVEVNVGDTIAVDDTLITLETDKATMDVPAEVAGVIKEVKVKVGDKISEGGL
IVVVEAEGAAAAPKAEAAAAPAQEAPKAAAPAPQAAQFGGAADAEYDVVVLGGGPGGYSAAFAAADEGLKVAIVERYKTL
GGVCLNVGCIPSKALLHNAAVIDEVRHLAANGIKYPEPELDIDMLRAYKDGVVSRLTGGLAGMAKSRKVDVIQGDGQFLD
PHHLEVSLTAGDAYEQAAPTGEKKIVAFKNCIIAAGSRVTKLPFIPEDPRIIDSSGALALKEVPGKLLIIGGGIIGLEMG
TVYSTLGSRLDVVEMMDGLMQGADRDLVKVWQKQNEYRFDNIMVNTKTVAVEPKEDGVYVTFEGANAPKEPQRYDAVLVA
AGRAPNGKLISAEKAGVAVTDRGFIEVDKQMRTNVPHIYAIGDIVGQPMLAHKAVHEGHVAAENCAGHKAYFDARVIPGV
AYTSPEVAWVGETELSAKASGRKITKANFPWAASGRAIANGCDNGFTKLIFDAETGRIIGGGIVGPNGGDMIGEVCLAIE
MGCDAADIGKTIHPHPTLGESIGMAAEVALGVCTDLPPQKKK
;
_entity_poly.pdbx_strand_id   A
#
# COMPACT_ATOMS: atom_id res chain seq x y z
N ALA A 122 9.12 21.53 -28.95
CA ALA A 122 8.73 22.54 -29.93
C ALA A 122 7.42 23.24 -29.52
N ASP A 123 6.58 22.53 -28.78
CA ASP A 123 5.30 23.08 -28.32
C ASP A 123 5.37 23.68 -26.92
N ALA A 124 6.28 23.19 -26.06
CA ALA A 124 6.43 23.73 -24.72
C ALA A 124 7.75 23.26 -24.14
N GLU A 125 8.34 24.09 -23.27
CA GLU A 125 9.66 23.85 -22.67
C GLU A 125 9.57 24.04 -21.16
N TYR A 126 10.14 23.12 -20.39
CA TYR A 126 10.09 23.19 -18.93
C TYR A 126 11.45 22.86 -18.31
N ASP A 127 11.70 23.45 -17.13
CA ASP A 127 12.81 22.99 -16.29
C ASP A 127 12.65 21.51 -15.94
N VAL A 128 11.44 21.11 -15.53
CA VAL A 128 11.17 19.75 -15.07
C VAL A 128 9.83 19.32 -15.66
N VAL A 129 9.81 18.19 -16.37
CA VAL A 129 8.59 17.52 -16.76
C VAL A 129 8.48 16.25 -15.92
N VAL A 130 7.36 16.09 -15.23
CA VAL A 130 7.08 14.90 -14.44
C VAL A 130 6.12 14.03 -15.23
N LEU A 131 6.52 12.78 -15.49
CA LEU A 131 5.66 11.80 -16.17
C LEU A 131 4.88 11.02 -15.11
N GLY A 132 3.61 11.35 -14.93
CA GLY A 132 2.67 10.73 -14.00
C GLY A 132 2.42 11.65 -12.81
N GLY A 133 1.16 11.70 -12.36
CA GLY A 133 0.81 12.61 -11.27
C GLY A 133 0.40 11.96 -9.97
N GLY A 134 0.99 10.80 -9.66
CA GLY A 134 0.70 10.09 -8.44
C GLY A 134 1.42 10.67 -7.22
N PRO A 135 1.37 9.98 -6.08
CA PRO A 135 2.07 10.49 -4.89
C PRO A 135 3.52 10.90 -5.19
N GLY A 136 4.25 10.09 -5.93
CA GLY A 136 5.58 10.47 -6.38
C GLY A 136 5.55 11.70 -7.28
N GLY A 137 4.83 11.60 -8.39
CA GLY A 137 4.89 12.65 -9.40
C GLY A 137 4.46 14.01 -8.92
N TYR A 138 3.29 14.10 -8.28
CA TYR A 138 2.83 15.43 -7.91
C TYR A 138 3.64 16.00 -6.75
N SER A 139 4.14 15.15 -5.85
CA SER A 139 5.04 15.61 -4.80
C SER A 139 6.34 16.14 -5.39
N ALA A 140 6.92 15.41 -6.35
CA ALA A 140 8.11 15.90 -7.05
C ALA A 140 7.84 17.25 -7.72
N ALA A 141 6.70 17.36 -8.42
CA ALA A 141 6.40 18.57 -9.19
C ALA A 141 6.20 19.75 -8.26
N PHE A 142 5.44 19.57 -7.17
CA PHE A 142 5.21 20.67 -6.25
C PHE A 142 6.51 21.10 -5.57
N ALA A 143 7.35 20.12 -5.22
CA ALA A 143 8.62 20.43 -4.61
C ALA A 143 9.54 21.18 -5.57
N ALA A 144 9.55 20.78 -6.84
CA ALA A 144 10.37 21.48 -7.82
C ALA A 144 9.88 22.91 -8.01
N ALA A 145 8.56 23.10 -8.02
CA ALA A 145 8.01 24.45 -8.18
C ALA A 145 8.33 25.32 -6.98
N ASP A 146 8.29 24.73 -5.77
CA ASP A 146 8.68 25.46 -4.56
C ASP A 146 10.14 25.88 -4.61
N GLU A 147 10.99 25.12 -5.29
CA GLU A 147 12.38 25.52 -5.52
C GLU A 147 12.52 26.54 -6.64
N GLY A 148 11.41 26.98 -7.24
CA GLY A 148 11.46 28.02 -8.25
C GLY A 148 11.64 27.55 -9.67
N LEU A 149 11.50 26.25 -9.93
CA LEU A 149 11.60 25.71 -11.27
C LEU A 149 10.24 25.77 -11.96
N LYS A 150 10.28 25.92 -13.28
CA LYS A 150 9.08 25.84 -14.11
C LYS A 150 8.79 24.38 -14.45
N VAL A 151 7.63 23.87 -13.99
CA VAL A 151 7.34 22.45 -13.97
C VAL A 151 6.06 22.15 -14.75
N ALA A 152 5.99 20.93 -15.31
CA ALA A 152 4.76 20.39 -15.86
C ALA A 152 4.60 18.94 -15.42
N ILE A 153 3.35 18.53 -15.19
CA ILE A 153 2.98 17.14 -14.98
C ILE A 153 2.27 16.65 -16.24
N VAL A 154 2.70 15.50 -16.76
CA VAL A 154 1.98 14.82 -17.82
C VAL A 154 1.30 13.61 -17.20
N GLU A 155 -0.04 13.62 -17.22
CA GLU A 155 -0.85 12.59 -16.56
C GLU A 155 -2.01 12.26 -17.48
N ARG A 156 -2.14 10.98 -17.82
CA ARG A 156 -3.10 10.57 -18.85
C ARG A 156 -4.55 10.75 -18.40
N TYR A 157 -4.82 10.71 -17.10
CA TYR A 157 -6.17 10.92 -16.58
C TYR A 157 -6.32 12.35 -16.09
N LYS A 158 -7.57 12.72 -15.82
CA LYS A 158 -7.87 14.12 -15.49
C LYS A 158 -7.40 14.47 -14.07
N THR A 159 -7.56 13.57 -13.11
CA THR A 159 -7.26 13.90 -11.72
C THR A 159 -5.82 13.55 -11.40
N LEU A 160 -5.24 14.30 -10.47
CA LEU A 160 -3.96 13.98 -9.86
C LEU A 160 -4.16 13.03 -8.68
N GLY A 161 -3.04 12.64 -8.05
CA GLY A 161 -3.05 11.72 -6.93
C GLY A 161 -2.86 10.26 -7.29
N GLY A 162 -2.88 9.92 -8.57
CA GLY A 162 -2.48 8.59 -8.98
C GLY A 162 -3.34 7.48 -8.41
N VAL A 163 -2.73 6.30 -8.34
CA VAL A 163 -3.44 5.11 -7.88
C VAL A 163 -3.82 5.25 -6.42
N CYS A 164 -2.90 5.78 -5.59
CA CYS A 164 -3.18 5.91 -4.16
C CYS A 164 -4.44 6.71 -3.90
N LEU A 165 -4.56 7.88 -4.53
CA LEU A 165 -5.72 8.72 -4.22
C LEU A 165 -6.97 8.22 -4.94
N ASN A 166 -6.86 7.84 -6.21
CA ASN A 166 -8.05 7.61 -7.02
C ASN A 166 -8.59 6.18 -6.87
N VAL A 167 -7.72 5.17 -6.78
CA VAL A 167 -8.21 3.80 -6.75
C VAL A 167 -7.37 2.92 -5.82
N GLY A 168 -6.92 3.49 -4.70
CA GLY A 168 -5.96 2.79 -3.85
C GLY A 168 -6.10 3.10 -2.37
N CYS A 169 -5.06 3.69 -1.76
CA CYS A 169 -5.02 3.89 -0.31
C CYS A 169 -6.28 4.56 0.21
N ILE A 170 -6.61 5.71 -0.36
CA ILE A 170 -7.57 6.60 0.28
C ILE A 170 -8.94 5.93 0.22
N PRO A 171 -9.47 5.54 -0.96
CA PRO A 171 -10.81 4.92 -0.94
C PRO A 171 -10.83 3.59 -0.19
N SER A 172 -9.77 2.80 -0.23
CA SER A 172 -9.80 1.53 0.52
C SER A 172 -9.84 1.78 2.03
N LYS A 173 -8.99 2.67 2.56
CA LYS A 173 -9.00 2.90 4.01
C LYS A 173 -10.30 3.56 4.44
N ALA A 174 -10.94 4.33 3.55
CA ALA A 174 -12.24 4.92 3.88
C ALA A 174 -13.29 3.85 4.12
N LEU A 175 -13.36 2.86 3.22
CA LEU A 175 -14.29 1.74 3.38
C LEU A 175 -13.90 0.89 4.59
N LEU A 176 -12.60 0.68 4.81
CA LEU A 176 -12.16 -0.14 5.92
C LEU A 176 -12.54 0.48 7.26
N HIS A 177 -12.40 1.80 7.36
CA HIS A 177 -12.75 2.50 8.59
C HIS A 177 -14.23 2.32 8.93
N ASN A 178 -15.11 2.58 7.96
CA ASN A 178 -16.53 2.40 8.21
C ASN A 178 -16.85 0.95 8.55
N ALA A 179 -16.22 0.00 7.85
CA ALA A 179 -16.47 -1.41 8.15
C ALA A 179 -16.06 -1.77 9.57
N ALA A 180 -15.00 -1.13 10.09
CA ALA A 180 -14.49 -1.50 11.41
C ALA A 180 -15.44 -1.04 12.51
N VAL A 181 -16.10 0.11 12.32
CA VAL A 181 -17.15 0.54 13.24
C VAL A 181 -18.30 -0.45 13.25
N ILE A 182 -18.71 -0.95 12.08
CA ILE A 182 -19.80 -1.93 12.05
C ILE A 182 -19.43 -3.13 12.93
N ASP A 183 -18.18 -3.57 12.84
CA ASP A 183 -17.72 -4.71 13.63
C ASP A 183 -17.69 -4.37 15.12
N GLU A 184 -17.20 -3.18 15.45
CA GLU A 184 -17.21 -2.75 16.85
C GLU A 184 -18.61 -2.74 17.44
N VAL A 185 -19.62 -2.37 16.66
CA VAL A 185 -20.97 -2.23 17.19
C VAL A 185 -21.50 -3.56 17.70
N ARG A 186 -21.21 -4.66 16.97
CA ARG A 186 -21.61 -5.98 17.44
C ARG A 186 -21.08 -6.26 18.84
N HIS A 187 -19.84 -5.87 19.13
CA HIS A 187 -19.27 -6.18 20.45
C HIS A 187 -19.81 -5.26 21.54
N LEU A 188 -20.55 -4.22 21.19
CA LEU A 188 -21.04 -3.28 22.18
C LEU A 188 -22.21 -3.82 23.00
N ALA A 189 -22.95 -4.82 22.49
CA ALA A 189 -24.15 -5.25 23.19
C ALA A 189 -23.81 -5.89 24.54
N ALA A 190 -22.76 -6.72 24.59
CA ALA A 190 -22.36 -7.31 25.86
C ALA A 190 -22.03 -6.26 26.92
N ASN A 191 -21.81 -5.02 26.51
CA ASN A 191 -21.52 -3.91 27.40
C ASN A 191 -22.74 -3.04 27.69
N GLY A 192 -23.93 -3.50 27.30
CA GLY A 192 -25.14 -2.75 27.59
C GLY A 192 -25.49 -1.67 26.59
N ILE A 193 -24.88 -1.68 25.41
CA ILE A 193 -25.16 -0.71 24.36
C ILE A 193 -25.65 -1.52 23.16
N LYS A 194 -26.98 -1.68 23.04
CA LYS A 194 -27.55 -2.61 22.08
C LYS A 194 -28.06 -1.89 20.83
N TYR A 195 -27.57 -2.35 19.68
CA TYR A 195 -28.00 -1.92 18.36
C TYR A 195 -28.39 -3.14 17.57
N PRO A 196 -29.36 -3.01 16.65
CA PRO A 196 -29.61 -4.07 15.67
C PRO A 196 -28.54 -4.08 14.59
N GLU A 197 -28.64 -5.03 13.66
CA GLU A 197 -27.83 -4.96 12.46
C GLU A 197 -28.16 -3.69 11.69
N PRO A 198 -27.19 -3.11 11.01
CA PRO A 198 -27.44 -1.86 10.29
C PRO A 198 -28.20 -2.13 9.01
N GLU A 199 -28.96 -1.11 8.58
CA GLU A 199 -29.45 -1.08 7.20
C GLU A 199 -28.36 -0.49 6.33
N LEU A 200 -27.95 -1.24 5.30
CA LEU A 200 -26.82 -0.89 4.43
C LEU A 200 -27.32 -0.36 3.10
N ASP A 201 -26.91 0.85 2.76
CA ASP A 201 -27.21 1.44 1.46
C ASP A 201 -25.88 1.51 0.71
N ILE A 202 -25.67 0.56 -0.19
CA ILE A 202 -24.41 0.51 -0.94
C ILE A 202 -24.22 1.75 -1.78
N ASP A 203 -25.32 2.27 -2.37
CA ASP A 203 -25.18 3.46 -3.20
C ASP A 203 -24.65 4.64 -2.39
N MET A 204 -25.14 4.82 -1.15
CA MET A 204 -24.67 5.92 -0.34
C MET A 204 -23.27 5.65 0.21
N LEU A 205 -22.93 4.39 0.44
CA LEU A 205 -21.57 4.07 0.86
C LEU A 205 -20.57 4.35 -0.26
N ARG A 206 -20.92 3.95 -1.49
CA ARG A 206 -20.07 4.22 -2.64
C ARG A 206 -19.89 5.72 -2.86
N ALA A 207 -20.97 6.49 -2.73
CA ALA A 207 -20.87 7.95 -2.90
C ALA A 207 -20.07 8.58 -1.78
N TYR A 208 -20.10 8.02 -0.57
CA TYR A 208 -19.27 8.57 0.48
C TYR A 208 -17.80 8.43 0.12
N LYS A 209 -17.41 7.26 -0.36
CA LYS A 209 -16.01 7.02 -0.69
C LYS A 209 -15.57 7.88 -1.87
N ASP A 210 -16.37 7.91 -2.94
CA ASP A 210 -16.06 8.79 -4.06
C ASP A 210 -16.02 10.25 -3.64
N GLY A 211 -16.85 10.64 -2.67
CA GLY A 211 -16.84 12.02 -2.20
C GLY A 211 -15.57 12.40 -1.47
N VAL A 212 -14.94 11.45 -0.78
CA VAL A 212 -13.65 11.72 -0.16
C VAL A 212 -12.61 11.93 -1.24
N VAL A 213 -12.61 11.09 -2.26
CA VAL A 213 -11.62 11.19 -3.34
C VAL A 213 -11.79 12.48 -4.12
N SER A 214 -13.05 12.85 -4.43
CA SER A 214 -13.26 14.04 -5.25
C SER A 214 -12.93 15.31 -4.46
N ARG A 215 -13.08 15.30 -3.15
CA ARG A 215 -12.63 16.44 -2.38
C ARG A 215 -11.12 16.59 -2.47
N LEU A 216 -10.41 15.46 -2.44
CA LEU A 216 -8.95 15.48 -2.47
C LEU A 216 -8.41 15.77 -3.86
N THR A 217 -9.00 15.15 -4.90
CA THR A 217 -8.56 15.45 -6.27
C THR A 217 -8.79 16.92 -6.61
N GLY A 218 -9.90 17.48 -6.13
CA GLY A 218 -10.12 18.90 -6.35
C GLY A 218 -9.05 19.76 -5.71
N GLY A 219 -8.70 19.43 -4.46
CA GLY A 219 -7.66 20.20 -3.79
C GLY A 219 -6.32 20.12 -4.49
N LEU A 220 -5.98 18.94 -5.01
CA LEU A 220 -4.72 18.78 -5.72
C LEU A 220 -4.68 19.65 -6.96
N ALA A 221 -5.78 19.71 -7.72
CA ALA A 221 -5.81 20.58 -8.89
C ALA A 221 -5.59 22.04 -8.49
N GLY A 222 -6.31 22.50 -7.48
CA GLY A 222 -6.13 23.87 -7.01
C GLY A 222 -4.70 24.14 -6.56
N MET A 223 -4.07 23.15 -5.91
CA MET A 223 -2.69 23.33 -5.48
C MET A 223 -1.73 23.39 -6.68
N ALA A 224 -1.98 22.59 -7.72
CA ALA A 224 -1.19 22.71 -8.94
C ALA A 224 -1.30 24.11 -9.53
N LYS A 225 -2.53 24.63 -9.67
CA LYS A 225 -2.70 25.94 -10.29
C LYS A 225 -2.05 27.02 -9.43
N SER A 226 -2.14 26.90 -8.11
CA SER A 226 -1.52 27.88 -7.23
C SER A 226 -0.01 27.86 -7.36
N ARG A 227 0.59 26.67 -7.46
CA ARG A 227 2.03 26.55 -7.63
C ARG A 227 2.49 26.81 -9.06
N LYS A 228 1.57 27.14 -9.97
CA LYS A 228 1.88 27.42 -11.38
C LYS A 228 2.60 26.24 -12.04
N VAL A 229 2.11 25.03 -11.73
CA VAL A 229 2.57 23.80 -12.35
C VAL A 229 1.57 23.45 -13.44
N ASP A 230 2.01 23.39 -14.69
CA ASP A 230 1.13 23.04 -15.79
C ASP A 230 0.77 21.56 -15.75
N VAL A 231 -0.51 21.26 -15.89
CA VAL A 231 -1.01 19.88 -15.93
C VAL A 231 -1.51 19.61 -17.33
N ILE A 232 -0.93 18.58 -17.98
CA ILE A 232 -1.24 18.18 -19.34
C ILE A 232 -1.93 16.82 -19.28
N GLN A 233 -3.13 16.72 -19.84
CA GLN A 233 -3.83 15.43 -19.86
C GLN A 233 -3.48 14.71 -21.15
N GLY A 234 -2.62 13.71 -21.05
CA GLY A 234 -2.21 12.95 -22.22
C GLY A 234 -1.31 11.81 -21.80
N ASP A 235 -1.13 10.89 -22.73
CA ASP A 235 -0.20 9.78 -22.56
C ASP A 235 1.18 10.21 -23.04
N GLY A 236 2.15 10.21 -22.14
CA GLY A 236 3.51 10.63 -22.46
C GLY A 236 4.38 9.46 -22.89
N GLN A 237 5.16 9.68 -23.96
CA GLN A 237 6.14 8.75 -24.50
C GLN A 237 7.42 9.51 -24.86
N PHE A 238 8.56 8.98 -24.46
CA PHE A 238 9.81 9.66 -24.81
C PHE A 238 10.02 9.68 -26.31
N LEU A 239 10.38 10.86 -26.80
CA LEU A 239 10.81 11.07 -28.19
C LEU A 239 12.32 10.96 -28.34
N ASP A 240 13.07 11.54 -27.41
CA ASP A 240 14.54 11.57 -27.41
C ASP A 240 14.96 11.99 -26.00
N PRO A 241 16.26 12.05 -25.69
CA PRO A 241 16.67 12.34 -24.30
C PRO A 241 16.15 13.65 -23.70
N HIS A 242 15.57 14.55 -24.49
CA HIS A 242 15.07 15.80 -23.92
C HIS A 242 13.65 16.15 -24.36
N HIS A 243 12.91 15.22 -24.93
CA HIS A 243 11.55 15.53 -25.35
C HIS A 243 10.60 14.39 -25.03
N LEU A 244 9.41 14.76 -24.58
CA LEU A 244 8.26 13.86 -24.51
C LEU A 244 7.32 14.16 -25.65
N GLU A 245 6.76 13.12 -26.24
CA GLU A 245 5.61 13.28 -27.12
C GLU A 245 4.35 12.86 -26.39
N VAL A 246 3.41 13.78 -26.22
CA VAL A 246 2.22 13.58 -25.41
C VAL A 246 1.03 13.40 -26.34
N SER A 247 0.51 12.19 -26.39
CA SER A 247 -0.76 11.96 -27.07
C SER A 247 -1.88 12.41 -26.13
N LEU A 248 -2.48 13.54 -26.44
CA LEU A 248 -3.49 14.12 -25.56
C LEU A 248 -4.66 13.16 -25.36
N THR A 249 -5.19 13.14 -24.15
CA THR A 249 -6.31 12.27 -23.80
C THR A 249 -7.48 13.11 -23.31
N ALA A 250 -8.66 12.50 -23.32
CA ALA A 250 -9.88 13.13 -22.84
C ALA A 250 -10.69 12.11 -22.07
N GLY A 251 -11.35 12.59 -21.01
CA GLY A 251 -12.22 11.80 -20.16
C GLY A 251 -12.00 12.23 -18.73
N ASP A 252 -13.07 12.31 -17.92
CA ASP A 252 -12.95 12.86 -16.57
C ASP A 252 -12.70 11.80 -15.51
N ALA A 253 -13.11 10.57 -15.77
CA ALA A 253 -13.04 9.51 -14.78
C ALA A 253 -11.65 8.86 -14.81
N TYR A 254 -11.12 8.58 -13.63
CA TYR A 254 -9.82 7.93 -13.53
C TYR A 254 -9.90 6.54 -14.13
N GLU A 255 -8.85 6.13 -14.85
CA GLU A 255 -8.75 4.87 -15.57
C GLU A 255 -9.62 4.82 -16.83
N GLN A 256 -10.31 5.93 -17.19
CA GLN A 256 -11.20 5.96 -18.36
C GLN A 256 -10.93 7.25 -19.14
N ALA A 257 -9.90 7.21 -19.99
CA ALA A 257 -9.55 8.30 -20.89
C ALA A 257 -9.09 7.71 -22.21
N ALA A 258 -9.37 8.42 -23.28
CA ALA A 258 -9.04 7.96 -24.62
C ALA A 258 -8.26 9.04 -25.35
N PRO A 259 -7.35 8.66 -26.24
CA PRO A 259 -6.63 9.68 -27.02
C PRO A 259 -7.57 10.45 -27.94
N THR A 260 -7.39 11.78 -27.97
CA THR A 260 -8.10 12.62 -28.91
C THR A 260 -7.54 12.54 -30.32
N GLY A 261 -6.28 12.14 -30.48
CA GLY A 261 -5.60 12.20 -31.74
C GLY A 261 -4.62 13.35 -31.85
N GLU A 262 -4.81 14.39 -31.04
CA GLU A 262 -3.88 15.50 -30.99
C GLU A 262 -2.61 15.10 -30.24
N LYS A 263 -1.48 15.62 -30.69
CA LYS A 263 -0.17 15.31 -30.14
C LYS A 263 0.55 16.59 -29.78
N LYS A 264 1.32 16.55 -28.70
CA LYS A 264 2.05 17.71 -28.21
C LYS A 264 3.46 17.29 -27.83
N ILE A 265 4.48 18.01 -28.29
CA ILE A 265 5.86 17.70 -27.98
C ILE A 265 6.35 18.63 -26.88
N VAL A 266 6.86 18.07 -25.80
CA VAL A 266 7.26 18.82 -24.62
C VAL A 266 8.75 18.60 -24.39
N ALA A 267 9.51 19.68 -24.34
CA ALA A 267 10.94 19.66 -24.12
C ALA A 267 11.24 19.93 -22.66
N PHE A 268 12.32 19.34 -22.15
CA PHE A 268 12.67 19.48 -20.75
C PHE A 268 14.16 19.50 -20.57
N LYS A 269 14.61 20.19 -19.51
CA LYS A 269 15.95 19.98 -18.98
C LYS A 269 16.03 18.68 -18.19
N ASN A 270 15.15 18.51 -17.21
CA ASN A 270 15.06 17.29 -16.40
C ASN A 270 13.70 16.64 -16.57
N CYS A 271 13.69 15.31 -16.60
CA CYS A 271 12.46 14.55 -16.51
C CYS A 271 12.48 13.67 -15.28
N ILE A 272 11.35 13.64 -14.57
CA ILE A 272 11.16 12.74 -13.43
C ILE A 272 10.09 11.74 -13.84
N ILE A 273 10.52 10.48 -14.02
CA ILE A 273 9.62 9.40 -14.40
C ILE A 273 8.89 8.89 -13.14
N ALA A 274 7.57 8.92 -13.18
CA ALA A 274 6.75 8.51 -12.04
C ALA A 274 5.48 7.81 -12.52
N ALA A 275 5.67 6.90 -13.48
CA ALA A 275 4.56 6.29 -14.22
C ALA A 275 3.97 5.07 -13.52
N GLY A 276 4.39 4.79 -12.29
CA GLY A 276 3.73 3.84 -11.42
C GLY A 276 3.73 2.41 -11.93
N SER A 277 2.68 1.69 -11.52
CA SER A 277 2.52 0.26 -11.75
C SER A 277 1.11 -0.01 -12.24
N ARG A 278 0.82 -1.29 -12.51
CA ARG A 278 -0.49 -1.73 -12.93
C ARG A 278 -0.78 -3.09 -12.31
N VAL A 279 -2.06 -3.47 -12.36
CA VAL A 279 -2.47 -4.78 -11.85
C VAL A 279 -1.77 -5.89 -12.63
N THR A 280 -1.18 -6.83 -11.91
CA THR A 280 -0.63 -8.01 -12.55
C THR A 280 -1.77 -8.90 -13.06
N LYS A 281 -1.66 -9.33 -14.31
CA LYS A 281 -2.64 -10.22 -14.90
C LYS A 281 -2.13 -11.65 -14.82
N LEU A 282 -3.07 -12.58 -14.68
CA LEU A 282 -2.80 -14.00 -14.79
C LEU A 282 -3.34 -14.47 -16.15
N PRO A 283 -2.49 -15.06 -16.99
CA PRO A 283 -2.94 -15.36 -18.36
C PRO A 283 -4.12 -16.32 -18.42
N PHE A 284 -4.12 -17.35 -17.58
CA PHE A 284 -5.12 -18.41 -17.61
C PHE A 284 -6.48 -17.97 -17.13
N ILE A 285 -6.78 -16.71 -16.84
CA ILE A 285 -8.08 -16.31 -16.31
C ILE A 285 -8.84 -15.55 -17.39
N PRO A 286 -10.02 -15.99 -17.78
CA PRO A 286 -10.76 -15.32 -18.86
C PRO A 286 -11.43 -14.04 -18.37
N GLU A 287 -12.02 -13.31 -19.31
CA GLU A 287 -12.75 -12.09 -19.04
C GLU A 287 -14.21 -12.38 -18.71
N ASP A 288 -14.72 -11.78 -17.64
CA ASP A 288 -16.08 -11.96 -17.20
C ASP A 288 -16.35 -10.85 -16.19
N PRO A 289 -17.51 -10.20 -16.25
CA PRO A 289 -17.79 -9.10 -15.30
C PRO A 289 -17.68 -9.50 -13.84
N ARG A 290 -17.77 -10.80 -13.52
CA ARG A 290 -17.66 -11.23 -12.13
C ARG A 290 -16.21 -11.43 -11.68
N ILE A 291 -15.26 -11.31 -12.60
CA ILE A 291 -13.84 -11.45 -12.30
C ILE A 291 -13.25 -10.05 -12.30
N ILE A 292 -12.87 -9.54 -11.12
CA ILE A 292 -12.57 -8.13 -10.92
C ILE A 292 -11.13 -7.98 -10.40
N ASP A 293 -10.63 -6.75 -10.44
CA ASP A 293 -9.37 -6.40 -9.76
C ASP A 293 -9.68 -5.38 -8.67
N SER A 294 -8.63 -4.80 -8.08
CA SER A 294 -8.82 -3.91 -6.93
C SER A 294 -9.73 -2.73 -7.29
N SER A 295 -9.63 -2.23 -8.52
CA SER A 295 -10.51 -1.14 -8.94
C SER A 295 -11.94 -1.60 -9.06
N GLY A 296 -12.16 -2.80 -9.60
CA GLY A 296 -13.50 -3.34 -9.63
C GLY A 296 -14.07 -3.50 -8.23
N ALA A 297 -13.24 -3.97 -7.30
CA ALA A 297 -13.68 -4.12 -5.91
C ALA A 297 -14.09 -2.76 -5.33
N LEU A 298 -13.27 -1.73 -5.55
CA LEU A 298 -13.59 -0.43 -5.00
C LEU A 298 -14.83 0.19 -5.65
N ALA A 299 -15.22 -0.27 -6.85
CA ALA A 299 -16.43 0.26 -7.48
C ALA A 299 -17.68 -0.16 -6.71
N LEU A 300 -17.60 -1.23 -5.92
CA LEU A 300 -18.70 -1.60 -5.01
C LEU A 300 -20.01 -1.79 -5.78
N LYS A 301 -19.96 -2.63 -6.81
CA LYS A 301 -21.17 -2.84 -7.62
C LYS A 301 -22.24 -3.54 -6.80
N GLU A 302 -21.89 -4.63 -6.13
CA GLU A 302 -22.78 -5.38 -5.28
C GLU A 302 -21.94 -6.09 -4.23
N VAL A 303 -22.61 -6.62 -3.21
CA VAL A 303 -21.99 -7.50 -2.23
C VAL A 303 -22.18 -8.94 -2.71
N PRO A 304 -21.15 -9.62 -3.19
CA PRO A 304 -21.33 -11.02 -3.62
C PRO A 304 -21.57 -11.92 -2.42
N GLY A 305 -22.38 -12.95 -2.64
CA GLY A 305 -22.60 -13.94 -1.60
C GLY A 305 -21.34 -14.70 -1.26
N LYS A 306 -20.67 -15.23 -2.29
CA LYS A 306 -19.41 -15.95 -2.12
C LYS A 306 -18.32 -15.26 -2.94
N LEU A 307 -17.28 -14.78 -2.25
CA LEU A 307 -16.17 -14.04 -2.86
C LEU A 307 -14.88 -14.82 -2.72
N LEU A 308 -14.22 -15.08 -3.84
CA LEU A 308 -12.91 -15.70 -3.86
C LEU A 308 -11.83 -14.64 -4.09
N ILE A 309 -10.83 -14.63 -3.22
CA ILE A 309 -9.66 -13.79 -3.37
C ILE A 309 -8.51 -14.65 -3.87
N ILE A 310 -8.01 -14.36 -5.07
CA ILE A 310 -6.85 -15.05 -5.59
C ILE A 310 -5.62 -14.21 -5.25
N GLY A 311 -4.78 -14.72 -4.35
CA GLY A 311 -3.62 -14.00 -3.86
C GLY A 311 -3.75 -13.60 -2.40
N GLY A 312 -2.75 -13.90 -1.58
CA GLY A 312 -2.83 -13.68 -0.15
C GLY A 312 -2.27 -12.37 0.36
N GLY A 313 -2.00 -11.41 -0.53
CA GLY A 313 -1.35 -10.18 -0.13
C GLY A 313 -2.31 -9.22 0.55
N ILE A 314 -1.73 -8.10 1.01
CA ILE A 314 -2.47 -7.15 1.85
C ILE A 314 -3.66 -6.54 1.10
N ILE A 315 -3.47 -6.16 -0.17
CA ILE A 315 -4.51 -5.42 -0.88
C ILE A 315 -5.79 -6.23 -1.00
N GLY A 316 -5.68 -7.50 -1.40
CA GLY A 316 -6.86 -8.33 -1.47
C GLY A 316 -7.46 -8.65 -0.11
N LEU A 317 -6.63 -8.79 0.93
CA LEU A 317 -7.17 -9.08 2.25
C LEU A 317 -7.93 -7.88 2.81
N GLU A 318 -7.44 -6.67 2.54
CA GLU A 318 -8.20 -5.48 2.92
C GLU A 318 -9.57 -5.46 2.25
N MET A 319 -9.62 -5.67 0.92
CA MET A 319 -10.90 -5.70 0.22
C MET A 319 -11.80 -6.80 0.74
N GLY A 320 -11.22 -7.96 1.05
CA GLY A 320 -12.01 -9.04 1.63
C GLY A 320 -12.65 -8.65 2.95
N THR A 321 -11.88 -7.95 3.80
CA THR A 321 -12.38 -7.47 5.08
C THR A 321 -13.63 -6.61 4.89
N VAL A 322 -13.56 -5.66 3.93
CA VAL A 322 -14.70 -4.78 3.66
C VAL A 322 -15.91 -5.59 3.21
N TYR A 323 -15.73 -6.44 2.19
CA TYR A 323 -16.85 -7.21 1.68
C TYR A 323 -17.37 -8.21 2.71
N SER A 324 -16.48 -8.80 3.50
CA SER A 324 -16.91 -9.73 4.54
C SER A 324 -17.86 -9.05 5.53
N THR A 325 -17.45 -7.90 6.06
CA THR A 325 -18.31 -7.12 6.94
C THR A 325 -19.62 -6.74 6.25
N LEU A 326 -19.58 -6.44 4.95
CA LEU A 326 -20.82 -6.12 4.25
C LEU A 326 -21.69 -7.33 3.97
N GLY A 327 -21.19 -8.55 4.16
CA GLY A 327 -22.02 -9.74 4.03
C GLY A 327 -21.44 -10.89 3.24
N SER A 328 -20.30 -10.71 2.58
CA SER A 328 -19.75 -11.75 1.73
C SER A 328 -19.05 -12.82 2.55
N ARG A 329 -19.26 -14.08 2.17
CA ARG A 329 -18.35 -15.15 2.59
C ARG A 329 -17.06 -15.06 1.77
N LEU A 330 -15.93 -15.42 2.40
CA LEU A 330 -14.63 -15.34 1.73
C LEU A 330 -13.97 -16.70 1.60
N ASP A 331 -13.31 -16.93 0.46
CA ASP A 331 -12.21 -17.86 0.35
C ASP A 331 -10.98 -17.12 -0.15
N VAL A 332 -9.80 -17.65 0.16
CA VAL A 332 -8.53 -17.08 -0.31
C VAL A 332 -7.59 -18.21 -0.69
N VAL A 333 -6.83 -18.01 -1.75
CA VAL A 333 -5.89 -18.99 -2.26
C VAL A 333 -4.54 -18.30 -2.48
N GLU A 334 -3.46 -18.98 -2.13
CA GLU A 334 -2.11 -18.43 -2.26
C GLU A 334 -1.16 -19.57 -2.60
N MET A 335 -0.41 -19.39 -3.70
CA MET A 335 0.58 -20.39 -4.09
CA MET A 335 0.57 -20.41 -4.07
C MET A 335 1.69 -20.51 -3.05
N MET A 336 2.07 -19.39 -2.44
CA MET A 336 3.16 -19.37 -1.47
C MET A 336 2.68 -19.95 -0.13
N ASP A 337 3.54 -19.86 0.89
CA ASP A 337 3.37 -20.61 2.12
C ASP A 337 2.49 -19.94 3.16
N GLY A 338 2.29 -18.62 3.07
CA GLY A 338 1.35 -17.95 3.96
C GLY A 338 0.81 -16.67 3.37
N LEU A 339 -0.17 -16.09 4.08
CA LEU A 339 -0.73 -14.81 3.72
C LEU A 339 0.21 -13.68 4.16
N MET A 340 0.01 -12.51 3.54
CA MET A 340 0.82 -11.32 3.81
C MET A 340 2.31 -11.66 3.84
N GLN A 341 2.81 -12.08 2.67
CA GLN A 341 4.23 -12.36 2.53
C GLN A 341 5.05 -11.15 2.93
N GLY A 342 6.12 -11.39 3.70
CA GLY A 342 6.98 -10.34 4.19
C GLY A 342 6.74 -9.96 5.65
N ALA A 343 5.50 -10.06 6.10
CA ALA A 343 5.19 -9.87 7.52
C ALA A 343 5.67 -11.08 8.32
N ASP A 344 6.19 -10.82 9.53
CA ASP A 344 6.59 -11.91 10.41
C ASP A 344 5.38 -12.78 10.75
N ARG A 345 5.59 -14.10 10.78
CA ARG A 345 4.47 -15.02 10.88
C ARG A 345 3.66 -14.81 12.15
N ASP A 346 4.30 -14.39 13.25
CA ASP A 346 3.59 -14.26 14.51
C ASP A 346 2.57 -13.12 14.47
N LEU A 347 2.84 -12.07 13.70
CA LEU A 347 1.82 -11.03 13.52
C LEU A 347 0.68 -11.54 12.67
N VAL A 348 0.98 -12.33 11.63
CA VAL A 348 -0.07 -12.81 10.74
C VAL A 348 -0.92 -13.84 11.45
N LYS A 349 -0.30 -14.66 12.31
CA LYS A 349 -1.06 -15.66 13.06
C LYS A 349 -2.12 -15.01 13.94
N VAL A 350 -1.79 -13.87 14.56
CA VAL A 350 -2.79 -13.17 15.35
C VAL A 350 -3.88 -12.60 14.45
N TRP A 351 -3.50 -12.02 13.31
CA TRP A 351 -4.52 -11.51 12.40
C TRP A 351 -5.44 -12.65 11.96
N GLN A 352 -4.85 -13.78 11.59
CA GLN A 352 -5.63 -14.88 11.04
C GLN A 352 -6.60 -15.45 12.07
N LYS A 353 -6.13 -15.70 13.29
CA LYS A 353 -7.01 -16.26 14.32
C LYS A 353 -8.26 -15.40 14.50
N GLN A 354 -8.10 -14.06 14.55
CA GLN A 354 -9.24 -13.18 14.72
C GLN A 354 -10.13 -13.10 13.47
N ASN A 355 -9.61 -13.45 12.29
CA ASN A 355 -10.37 -13.34 11.06
C ASN A 355 -10.86 -14.68 10.52
N GLU A 356 -10.49 -15.79 11.16
CA GLU A 356 -10.86 -17.11 10.65
C GLU A 356 -12.37 -17.20 10.39
N TYR A 357 -13.20 -16.55 11.22
CA TYR A 357 -14.65 -16.66 11.06
C TYR A 357 -15.14 -16.07 9.75
N ARG A 358 -14.37 -15.21 9.10
CA ARG A 358 -14.80 -14.63 7.83
C ARG A 358 -14.65 -15.60 6.66
N PHE A 359 -13.79 -16.60 6.78
CA PHE A 359 -13.38 -17.44 5.65
C PHE A 359 -13.95 -18.83 5.78
N ASP A 360 -14.37 -19.39 4.64
CA ASP A 360 -14.67 -20.81 4.61
C ASP A 360 -13.46 -21.65 4.21
N ASN A 361 -12.55 -21.09 3.41
CA ASN A 361 -11.33 -21.78 3.03
C ASN A 361 -10.18 -20.79 2.96
N ILE A 362 -9.18 -21.00 3.79
CA ILE A 362 -7.89 -20.32 3.69
C ILE A 362 -6.92 -21.36 3.16
N MET A 363 -6.52 -21.21 1.90
CA MET A 363 -5.75 -22.23 1.18
C MET A 363 -4.39 -21.66 0.80
N VAL A 364 -3.36 -22.09 1.50
CA VAL A 364 -1.99 -21.73 1.16
C VAL A 364 -1.30 -22.96 0.57
N ASN A 365 -0.22 -22.71 -0.15
CA ASN A 365 0.48 -23.77 -0.90
C ASN A 365 -0.44 -24.46 -1.90
N THR A 366 -1.45 -23.77 -2.42
CA THR A 366 -2.36 -24.38 -3.39
C THR A 366 -2.35 -23.61 -4.70
N LYS A 367 -2.41 -24.36 -5.80
CA LYS A 367 -2.42 -23.80 -7.15
C LYS A 367 -3.85 -23.60 -7.64
N THR A 368 -4.08 -22.49 -8.32
CA THR A 368 -5.35 -22.23 -9.00
C THR A 368 -5.21 -22.65 -10.45
N VAL A 369 -5.90 -23.72 -10.83
CA VAL A 369 -5.70 -24.35 -12.14
C VAL A 369 -6.79 -24.01 -13.16
N ALA A 370 -7.98 -23.60 -12.73
CA ALA A 370 -9.07 -23.39 -13.66
C ALA A 370 -10.01 -22.33 -13.11
N VAL A 371 -10.31 -21.34 -13.94
CA VAL A 371 -11.37 -20.37 -13.66
C VAL A 371 -12.36 -20.47 -14.82
N GLU A 372 -13.53 -21.05 -14.55
CA GLU A 372 -14.54 -21.31 -15.58
C GLU A 372 -15.84 -20.58 -15.27
N PRO A 373 -16.08 -19.42 -15.88
CA PRO A 373 -17.37 -18.75 -15.69
C PRO A 373 -18.51 -19.57 -16.26
N LYS A 374 -19.62 -19.59 -15.52
CA LYS A 374 -20.85 -20.28 -15.90
C LYS A 374 -22.02 -19.42 -15.46
N GLU A 375 -23.22 -19.85 -15.86
CA GLU A 375 -24.42 -19.03 -15.68
C GLU A 375 -24.61 -18.63 -14.22
N ASP A 376 -24.47 -19.60 -13.32
CA ASP A 376 -24.83 -19.41 -11.92
C ASP A 376 -23.65 -19.13 -11.01
N GLY A 377 -22.48 -18.89 -11.58
CA GLY A 377 -21.29 -18.56 -10.81
C GLY A 377 -20.03 -18.86 -11.59
N VAL A 378 -18.92 -18.31 -11.10
CA VAL A 378 -17.60 -18.62 -11.62
C VAL A 378 -17.04 -19.81 -10.84
N TYR A 379 -16.67 -20.87 -11.56
CA TYR A 379 -16.24 -22.11 -10.94
C TYR A 379 -14.72 -22.22 -11.00
N VAL A 380 -14.09 -22.37 -9.84
CA VAL A 380 -12.63 -22.36 -9.71
C VAL A 380 -12.18 -23.67 -9.11
N THR A 381 -11.07 -24.21 -9.62
CA THR A 381 -10.53 -25.49 -9.19
C THR A 381 -9.15 -25.29 -8.60
N PHE A 382 -8.91 -25.90 -7.44
CA PHE A 382 -7.68 -25.72 -6.69
C PHE A 382 -6.95 -27.06 -6.55
N GLU A 383 -5.62 -27.01 -6.65
CA GLU A 383 -4.75 -28.13 -6.32
C GLU A 383 -3.93 -27.75 -5.10
N GLY A 384 -4.26 -28.35 -3.96
CA GLY A 384 -3.55 -28.07 -2.73
C GLY A 384 -3.73 -29.17 -1.72
N ALA A 385 -2.75 -29.31 -0.82
CA ALA A 385 -2.75 -30.41 0.14
C ALA A 385 -3.98 -30.36 1.04
N ASN A 386 -4.49 -29.17 1.32
CA ASN A 386 -5.67 -29.02 2.16
C ASN A 386 -6.72 -28.18 1.45
N ALA A 387 -6.71 -28.20 0.16
CA ALA A 387 -7.74 -27.53 -0.60
C ALA A 387 -8.74 -28.54 -1.11
N PRO A 388 -10.01 -28.15 -1.23
CA PRO A 388 -11.00 -29.06 -1.81
C PRO A 388 -10.62 -29.46 -3.24
N LYS A 389 -11.14 -30.60 -3.66
CA LYS A 389 -10.89 -31.12 -5.00
C LYS A 389 -11.99 -30.76 -5.99
N GLU A 390 -13.24 -30.68 -5.53
CA GLU A 390 -14.33 -30.30 -6.42
C GLU A 390 -14.24 -28.81 -6.75
N PRO A 391 -14.63 -28.42 -7.96
CA PRO A 391 -14.66 -26.99 -8.31
C PRO A 391 -15.65 -26.23 -7.43
N GLN A 392 -15.26 -25.03 -7.04
CA GLN A 392 -16.02 -24.20 -6.11
C GLN A 392 -16.67 -23.06 -6.86
N ARG A 393 -17.95 -22.82 -6.58
CA ARG A 393 -18.70 -21.75 -7.22
C ARG A 393 -18.55 -20.46 -6.41
N TYR A 394 -18.35 -19.36 -7.12
CA TYR A 394 -18.29 -18.04 -6.50
C TYR A 394 -19.15 -17.06 -7.28
N ASP A 395 -19.70 -16.07 -6.58
CA ASP A 395 -20.39 -14.99 -7.26
C ASP A 395 -19.41 -13.95 -7.81
N ALA A 396 -18.23 -13.87 -7.21
CA ALA A 396 -17.24 -12.88 -7.61
C ALA A 396 -15.86 -13.42 -7.29
N VAL A 397 -14.90 -13.09 -8.15
CA VAL A 397 -13.50 -13.50 -7.96
C VAL A 397 -12.66 -12.23 -8.06
N LEU A 398 -11.88 -11.97 -7.01
CA LEU A 398 -10.99 -10.81 -6.95
C LEU A 398 -9.56 -11.29 -7.18
N VAL A 399 -8.98 -10.89 -8.31
CA VAL A 399 -7.59 -11.20 -8.63
C VAL A 399 -6.72 -10.12 -8.01
N ALA A 400 -5.99 -10.47 -6.96
CA ALA A 400 -5.09 -9.55 -6.27
C ALA A 400 -3.75 -10.27 -6.11
N ALA A 401 -3.12 -10.54 -7.25
CA ALA A 401 -1.89 -11.30 -7.33
C ALA A 401 -0.68 -10.42 -7.56
N GLY A 402 -0.68 -9.19 -7.05
CA GLY A 402 0.46 -8.32 -7.18
C GLY A 402 0.25 -7.23 -8.22
N ARG A 403 1.27 -6.36 -8.32
CA ARG A 403 1.30 -5.28 -9.28
C ARG A 403 2.65 -5.26 -9.98
N ALA A 404 2.65 -4.86 -11.28
CA ALA A 404 3.82 -4.82 -12.15
C ALA A 404 4.20 -3.39 -12.50
N PRO A 405 5.49 -3.05 -12.52
CA PRO A 405 5.88 -1.68 -12.84
C PRO A 405 5.78 -1.42 -14.34
N ASN A 406 5.59 -0.14 -14.69
CA ASN A 406 5.26 0.28 -16.05
C ASN A 406 6.47 0.76 -16.84
N GLY A 407 7.68 0.37 -16.45
CA GLY A 407 8.87 0.93 -17.10
C GLY A 407 8.98 0.66 -18.59
N LYS A 408 8.38 -0.45 -19.05
CA LYS A 408 8.49 -0.84 -20.44
C LYS A 408 7.48 -0.13 -21.33
N LEU A 409 6.68 0.77 -20.78
CA LEU A 409 5.50 1.29 -21.46
C LEU A 409 5.59 2.76 -21.78
N ILE A 410 6.78 3.38 -21.68
CA ILE A 410 6.88 4.82 -21.84
C ILE A 410 7.92 5.21 -22.89
N SER A 411 8.41 4.24 -23.66
CA SER A 411 9.45 4.45 -24.68
C SER A 411 10.76 4.97 -24.07
N ALA A 412 11.12 4.45 -22.89
CA ALA A 412 12.27 4.98 -22.14
C ALA A 412 13.57 4.82 -22.92
N GLU A 413 13.72 3.72 -23.67
CA GLU A 413 14.93 3.50 -24.47
C GLU A 413 15.17 4.61 -25.48
N LYS A 414 14.11 5.29 -25.91
CA LYS A 414 14.31 6.41 -26.84
C LYS A 414 14.99 7.59 -26.14
N ALA A 415 14.91 7.65 -24.80
CA ALA A 415 15.63 8.64 -24.03
C ALA A 415 17.00 8.14 -23.56
N GLY A 416 17.35 6.89 -23.87
CA GLY A 416 18.56 6.26 -23.38
C GLY A 416 18.43 5.58 -22.03
N VAL A 417 17.21 5.55 -21.46
CA VAL A 417 17.00 5.07 -20.10
C VAL A 417 16.92 3.54 -20.11
N ALA A 418 17.71 2.91 -19.25
CA ALA A 418 17.71 1.46 -19.12
C ALA A 418 16.54 0.98 -18.26
N VAL A 419 15.90 -0.11 -18.70
CA VAL A 419 14.73 -0.68 -18.05
C VAL A 419 14.97 -2.17 -17.89
N THR A 420 14.71 -2.71 -16.69
CA THR A 420 14.91 -4.14 -16.50
C THR A 420 13.86 -4.93 -17.25
N ASP A 421 14.09 -6.25 -17.36
CA ASP A 421 13.14 -7.15 -18.01
C ASP A 421 11.78 -7.14 -17.32
N ARG A 422 11.76 -7.03 -15.98
CA ARG A 422 10.49 -6.98 -15.25
C ARG A 422 9.78 -5.63 -15.34
N GLY A 423 10.42 -4.62 -15.94
CA GLY A 423 9.79 -3.32 -16.07
C GLY A 423 10.16 -2.31 -15.01
N PHE A 424 11.18 -2.57 -14.21
CA PHE A 424 11.63 -1.58 -13.24
C PHE A 424 12.65 -0.66 -13.88
N ILE A 425 12.69 0.58 -13.42
CA ILE A 425 13.74 1.52 -13.81
C ILE A 425 14.63 1.72 -12.59
N GLU A 426 15.83 1.16 -12.64
CA GLU A 426 16.74 1.23 -11.51
C GLU A 426 17.35 2.62 -11.42
N VAL A 427 17.45 3.13 -10.18
CA VAL A 427 17.99 4.44 -9.89
C VAL A 427 19.05 4.31 -8.80
N ASP A 428 19.91 5.34 -8.70
CA ASP A 428 20.84 5.44 -7.59
C ASP A 428 20.13 6.15 -6.42
N LYS A 429 20.87 6.47 -5.37
CA LYS A 429 20.28 7.05 -4.17
C LYS A 429 19.82 8.49 -4.38
N GLN A 430 20.27 9.16 -5.45
CA GLN A 430 19.69 10.44 -5.82
C GLN A 430 18.46 10.28 -6.71
N MET A 431 18.00 9.05 -6.96
CA MET A 431 16.87 8.72 -7.83
C MET A 431 17.18 8.94 -9.32
N ARG A 432 18.45 8.89 -9.70
CA ARG A 432 18.86 9.07 -11.09
C ARG A 432 18.89 7.76 -11.85
N THR A 433 18.30 7.74 -13.04
CA THR A 433 18.51 6.64 -13.96
C THR A 433 19.96 6.62 -14.43
N ASN A 434 20.26 5.71 -15.37
CA ASN A 434 21.57 5.73 -16.02
C ASN A 434 21.80 7.01 -16.81
N VAL A 435 20.73 7.71 -17.20
CA VAL A 435 20.84 8.97 -17.92
C VAL A 435 20.82 10.09 -16.88
N PRO A 436 21.89 10.88 -16.76
CA PRO A 436 22.05 11.68 -15.52
C PRO A 436 20.98 12.73 -15.32
N HIS A 437 20.36 13.25 -16.38
CA HIS A 437 19.35 14.28 -16.20
C HIS A 437 17.93 13.73 -16.12
N ILE A 438 17.74 12.42 -16.13
CA ILE A 438 16.41 11.82 -16.02
C ILE A 438 16.34 11.00 -14.75
N TYR A 439 15.34 11.30 -13.91
CA TYR A 439 15.09 10.65 -12.63
C TYR A 439 13.89 9.72 -12.73
N ALA A 440 13.72 8.89 -11.70
CA ALA A 440 12.60 7.98 -11.61
C ALA A 440 12.32 7.68 -10.14
N ILE A 441 11.04 7.52 -9.80
CA ILE A 441 10.61 7.47 -8.41
C ILE A 441 9.41 6.54 -8.32
N GLY A 442 9.15 6.05 -7.11
CA GLY A 442 7.87 5.42 -6.80
C GLY A 442 7.83 3.94 -7.15
N ASP A 443 6.62 3.47 -7.51
CA ASP A 443 6.44 2.05 -7.79
C ASP A 443 7.34 1.59 -8.93
N ILE A 444 7.68 2.49 -9.86
CA ILE A 444 8.35 2.05 -11.08
C ILE A 444 9.84 1.76 -10.88
N VAL A 445 10.43 2.12 -9.72
CA VAL A 445 11.85 1.85 -9.51
C VAL A 445 12.12 0.63 -8.63
N GLY A 446 11.13 0.13 -7.90
CA GLY A 446 11.37 -1.04 -7.10
C GLY A 446 10.38 -1.17 -5.96
N GLN A 447 10.50 -2.31 -5.27
CA GLN A 447 9.78 -2.59 -4.06
C GLN A 447 10.41 -1.81 -2.90
N PRO A 448 9.64 -1.52 -1.84
CA PRO A 448 8.20 -1.78 -1.73
C PRO A 448 7.39 -0.77 -2.54
N MET A 449 6.25 -1.20 -3.09
CA MET A 449 5.37 -0.29 -3.83
C MET A 449 4.42 0.36 -2.82
N LEU A 450 4.84 1.49 -2.27
CA LEU A 450 4.11 2.16 -1.20
C LEU A 450 4.10 3.66 -1.46
N ALA A 451 2.99 4.31 -1.07
CA ALA A 451 2.82 5.71 -1.42
C ALA A 451 3.81 6.61 -0.69
N HIS A 452 4.05 6.34 0.61
CA HIS A 452 4.98 7.19 1.36
C HIS A 452 6.41 7.07 0.85
N LYS A 453 6.81 5.89 0.35
CA LYS A 453 8.09 5.83 -0.34
C LYS A 453 8.08 6.77 -1.55
N ALA A 454 7.04 6.67 -2.39
CA ALA A 454 6.97 7.50 -3.59
C ALA A 454 7.10 8.99 -3.27
N VAL A 455 6.42 9.43 -2.20
CA VAL A 455 6.45 10.84 -1.84
C VAL A 455 7.89 11.27 -1.53
N HIS A 456 8.56 10.53 -0.65
CA HIS A 456 9.90 10.93 -0.23
C HIS A 456 10.88 10.90 -1.40
N GLU A 457 10.88 9.80 -2.16
CA GLU A 457 11.69 9.74 -3.37
C GLU A 457 11.42 10.94 -4.29
N GLY A 458 10.15 11.35 -4.40
CA GLY A 458 9.84 12.52 -5.22
C GLY A 458 10.51 13.78 -4.71
N HIS A 459 10.50 13.99 -3.39
CA HIS A 459 11.22 15.11 -2.81
C HIS A 459 12.70 15.07 -3.18
N VAL A 460 13.31 13.88 -3.09
CA VAL A 460 14.75 13.76 -3.36
C VAL A 460 15.03 14.11 -4.82
N ALA A 461 14.26 13.54 -5.75
CA ALA A 461 14.45 13.85 -7.17
C ALA A 461 14.27 15.34 -7.45
N ALA A 462 13.27 15.97 -6.84
CA ALA A 462 13.02 17.37 -7.12
C ALA A 462 14.16 18.25 -6.64
N GLU A 463 14.70 17.97 -5.46
CA GLU A 463 15.79 18.80 -4.95
C GLU A 463 17.05 18.62 -5.77
N ASN A 464 17.30 17.42 -6.30
CA ASN A 464 18.44 17.26 -7.19
C ASN A 464 18.22 18.01 -8.50
N CYS A 465 16.98 18.12 -8.96
CA CYS A 465 16.68 18.93 -10.13
C CYS A 465 16.98 20.40 -9.89
N ALA A 466 16.94 20.83 -8.63
CA ALA A 466 17.21 22.20 -8.25
C ALA A 466 18.68 22.42 -7.89
N GLY A 467 19.53 21.43 -8.09
CA GLY A 467 20.93 21.54 -7.81
C GLY A 467 21.34 21.32 -6.37
N HIS A 468 20.45 20.83 -5.52
CA HIS A 468 20.78 20.53 -4.12
C HIS A 468 21.00 19.02 -4.01
N LYS A 469 22.23 18.61 -3.70
CA LYS A 469 22.53 17.18 -3.57
C LYS A 469 21.70 16.59 -2.43
N ALA A 470 20.79 15.67 -2.78
CA ALA A 470 19.89 15.05 -1.83
C ALA A 470 19.88 13.55 -2.07
N TYR A 471 19.84 12.78 -0.97
CA TYR A 471 19.90 11.33 -1.05
C TYR A 471 18.70 10.73 -0.33
N PHE A 472 18.27 9.57 -0.83
CA PHE A 472 17.13 8.87 -0.30
C PHE A 472 17.60 7.61 0.43
N ASP A 473 17.23 7.49 1.70
CA ASP A 473 17.56 6.35 2.54
C ASP A 473 16.37 5.40 2.56
N ALA A 474 16.58 4.14 2.17
CA ALA A 474 15.50 3.18 2.04
C ALA A 474 15.45 2.17 3.18
N ARG A 475 16.30 2.31 4.20
CA ARG A 475 16.38 1.28 5.25
C ARG A 475 15.12 1.21 6.10
N VAL A 476 14.48 2.34 6.38
CA VAL A 476 13.34 2.40 7.28
C VAL A 476 12.13 2.84 6.46
N ILE A 477 11.44 1.88 5.84
CA ILE A 477 10.17 2.14 5.16
C ILE A 477 9.09 1.26 5.78
N PRO A 478 8.12 1.81 6.50
CA PRO A 478 7.11 0.97 7.16
C PRO A 478 6.10 0.40 6.17
N GLY A 479 5.60 -0.78 6.48
CA GLY A 479 4.45 -1.36 5.79
C GLY A 479 3.31 -1.57 6.76
N VAL A 480 2.07 -1.32 6.29
CA VAL A 480 0.87 -1.46 7.11
C VAL A 480 -0.24 -2.16 6.32
N ALA A 481 -0.80 -3.21 6.93
CA ALA A 481 -2.11 -3.74 6.51
C ALA A 481 -3.17 -3.08 7.37
N TYR A 482 -4.12 -2.39 6.73
CA TYR A 482 -5.20 -1.75 7.48
C TYR A 482 -6.37 -2.69 7.68
N THR A 483 -6.09 -3.99 7.73
CA THR A 483 -7.03 -5.01 8.16
C THR A 483 -7.45 -4.83 9.62
N SER A 484 -8.33 -5.70 10.08
CA SER A 484 -8.75 -5.71 11.49
C SER A 484 -8.35 -7.05 12.08
N PRO A 485 -7.32 -7.11 12.92
CA PRO A 485 -6.50 -5.99 13.41
C PRO A 485 -5.51 -5.50 12.37
N GLU A 486 -5.02 -4.27 12.52
CA GLU A 486 -3.95 -3.78 11.67
C GLU A 486 -2.67 -4.58 11.92
N VAL A 487 -1.80 -4.58 10.91
CA VAL A 487 -0.50 -5.23 10.96
C VAL A 487 0.50 -4.21 10.44
N ALA A 488 1.31 -3.65 11.34
CA ALA A 488 2.29 -2.63 10.99
C ALA A 488 3.69 -3.12 11.33
N TRP A 489 4.62 -2.98 10.39
CA TRP A 489 6.00 -3.35 10.71
C TRP A 489 6.96 -2.53 9.86
N VAL A 490 8.23 -2.53 10.27
CA VAL A 490 9.26 -1.68 9.67
C VAL A 490 10.62 -2.26 9.99
N GLY A 491 11.56 -2.12 9.04
CA GLY A 491 12.94 -2.45 9.31
C GLY A 491 13.20 -3.95 9.29
N GLU A 492 14.21 -4.37 10.07
CA GLU A 492 14.54 -5.78 10.19
C GLU A 492 13.35 -6.57 10.75
N THR A 493 13.09 -7.72 10.13
CA THR A 493 12.13 -8.70 10.62
C THR A 493 12.89 -9.93 11.07
N GLU A 494 12.19 -10.82 11.78
CA GLU A 494 12.79 -12.11 12.08
C GLU A 494 13.04 -12.90 10.82
N LEU A 495 12.19 -12.71 9.81
CA LEU A 495 12.33 -13.41 8.54
C LEU A 495 13.62 -13.00 7.84
N SER A 496 13.83 -11.69 7.68
CA SER A 496 15.00 -11.18 6.97
C SER A 496 16.28 -11.46 7.74
N ALA A 497 16.24 -11.32 9.06
CA ALA A 497 17.40 -11.61 9.89
C ALA A 497 17.85 -13.05 9.74
N LYS A 498 16.90 -13.99 9.69
CA LYS A 498 17.26 -15.38 9.43
C LYS A 498 17.78 -15.58 8.01
N ALA A 499 17.25 -14.82 7.05
CA ALA A 499 17.70 -14.98 5.68
C ALA A 499 19.09 -14.41 5.48
N SER A 500 19.43 -13.33 6.17
CA SER A 500 20.74 -12.72 6.03
C SER A 500 21.76 -13.28 7.00
N GLY A 501 21.32 -13.90 8.09
CA GLY A 501 22.21 -14.35 9.13
C GLY A 501 22.47 -13.35 10.24
N ARG A 502 21.78 -12.22 10.24
CA ARG A 502 22.03 -11.18 11.22
C ARG A 502 21.58 -11.63 12.60
N LYS A 503 22.50 -11.58 13.57
CA LYS A 503 22.17 -11.93 14.95
C LYS A 503 21.35 -10.79 15.56
N ILE A 504 20.20 -11.13 16.16
CA ILE A 504 19.29 -10.15 16.73
C ILE A 504 18.77 -10.65 18.07
N THR A 505 18.21 -9.72 18.84
CA THR A 505 17.40 -10.02 19.99
C THR A 505 16.02 -9.37 19.80
N LYS A 506 14.99 -10.04 20.32
CA LYS A 506 13.61 -9.57 20.17
C LYS A 506 13.01 -9.34 21.55
N ALA A 507 12.15 -8.32 21.65
CA ALA A 507 11.39 -8.07 22.88
C ALA A 507 9.93 -7.84 22.50
N ASN A 508 9.05 -8.55 23.19
CA ASN A 508 7.65 -8.67 22.83
C ASN A 508 6.82 -8.26 24.03
N PHE A 509 5.96 -7.27 23.85
CA PHE A 509 5.00 -6.91 24.90
C PHE A 509 3.59 -7.34 24.51
N PRO A 510 3.03 -8.35 25.15
CA PRO A 510 1.68 -8.81 24.79
C PRO A 510 0.61 -7.85 25.31
N TRP A 511 -0.38 -7.57 24.45
CA TRP A 511 -1.44 -6.65 24.85
C TRP A 511 -2.41 -7.27 25.85
N ALA A 512 -2.33 -8.58 26.09
CA ALA A 512 -2.99 -9.17 27.24
C ALA A 512 -2.56 -8.51 28.56
N ALA A 513 -1.45 -7.76 28.57
CA ALA A 513 -1.00 -7.07 29.76
C ALA A 513 -1.34 -5.59 29.75
N SER A 514 -2.13 -5.14 28.79
CA SER A 514 -2.43 -3.72 28.61
C SER A 514 -3.84 -3.46 29.08
N GLY A 515 -3.99 -2.63 30.12
CA GLY A 515 -5.33 -2.27 30.56
C GLY A 515 -6.11 -1.57 29.46
N ARG A 516 -5.43 -0.74 28.66
CA ARG A 516 -6.06 -0.07 27.53
C ARG A 516 -6.63 -1.07 26.54
N ALA A 517 -5.83 -2.04 26.11
CA ALA A 517 -6.30 -3.02 25.15
C ALA A 517 -7.44 -3.86 25.73
N ILE A 518 -7.35 -4.23 27.01
CA ILE A 518 -8.39 -5.03 27.63
C ILE A 518 -9.70 -4.26 27.67
N ALA A 519 -9.65 -3.02 28.17
CA ALA A 519 -10.83 -2.17 28.15
C ALA A 519 -11.40 -2.07 26.73
N ASN A 520 -10.55 -1.90 25.72
CA ASN A 520 -11.01 -1.69 24.35
C ASN A 520 -11.40 -2.98 23.64
N GLY A 521 -11.15 -4.14 24.24
CA GLY A 521 -11.45 -5.41 23.57
C GLY A 521 -10.48 -5.86 22.49
N CYS A 522 -9.21 -5.42 22.52
CA CYS A 522 -8.21 -5.87 21.57
C CYS A 522 -6.98 -6.43 22.28
N ASP A 523 -7.18 -7.11 23.41
CA ASP A 523 -6.06 -7.60 24.21
C ASP A 523 -5.31 -8.79 23.57
N ASN A 524 -5.66 -9.17 22.34
CA ASN A 524 -4.93 -10.20 21.62
C ASN A 524 -3.76 -9.65 20.80
N GLY A 525 -3.61 -8.33 20.71
CA GLY A 525 -2.52 -7.75 19.94
C GLY A 525 -1.18 -7.85 20.66
N PHE A 526 -0.12 -7.40 19.98
CA PHE A 526 1.17 -7.28 20.65
C PHE A 526 2.08 -6.31 19.90
N THR A 527 3.13 -5.90 20.62
CA THR A 527 4.15 -4.99 20.11
C THR A 527 5.49 -5.68 20.25
N LYS A 528 6.23 -5.77 19.14
CA LYS A 528 7.50 -6.49 19.12
C LYS A 528 8.58 -5.57 18.60
N LEU A 529 9.72 -5.52 19.30
CA LEU A 529 10.88 -4.76 18.87
C LEU A 529 12.06 -5.69 18.60
N ILE A 530 12.86 -5.35 17.60
CA ILE A 530 14.00 -6.14 17.17
C ILE A 530 15.24 -5.24 17.20
N PHE A 531 16.30 -5.74 17.82
CA PHE A 531 17.56 -5.02 18.01
C PHE A 531 18.72 -5.82 17.43
N ASP A 532 19.74 -5.12 16.95
CA ASP A 532 20.98 -5.80 16.58
C ASP A 532 21.68 -6.35 17.82
N ALA A 533 22.06 -7.63 17.77
CA ALA A 533 22.69 -8.25 18.93
C ALA A 533 24.04 -7.62 19.25
N GLU A 534 24.83 -7.27 18.23
CA GLU A 534 26.15 -6.74 18.54
C GLU A 534 26.08 -5.31 19.06
N THR A 535 25.30 -4.44 18.40
CA THR A 535 25.31 -3.02 18.71
C THR A 535 24.23 -2.60 19.71
N GLY A 536 23.17 -3.40 19.87
CA GLY A 536 22.06 -3.02 20.75
C GLY A 536 21.07 -2.04 20.16
N ARG A 537 21.31 -1.52 18.95
CA ARG A 537 20.41 -0.54 18.36
C ARG A 537 19.13 -1.19 17.86
N ILE A 538 18.02 -0.47 17.99
CA ILE A 538 16.78 -0.98 17.40
C ILE A 538 16.90 -0.91 15.88
N ILE A 539 16.58 -2.03 15.21
CA ILE A 539 16.65 -2.11 13.77
C ILE A 539 15.32 -2.52 13.14
N GLY A 540 14.29 -2.78 13.94
CA GLY A 540 13.02 -3.20 13.38
C GLY A 540 11.96 -3.23 14.46
N GLY A 541 10.71 -3.32 14.01
CA GLY A 541 9.58 -3.40 14.91
C GLY A 541 8.32 -3.87 14.21
N GLY A 542 7.42 -4.52 14.96
CA GLY A 542 6.15 -4.96 14.43
C GLY A 542 5.03 -4.82 15.45
N ILE A 543 3.85 -4.40 15.00
CA ILE A 543 2.68 -4.26 15.85
C ILE A 543 1.48 -4.89 15.16
N VAL A 544 0.70 -5.70 15.89
CA VAL A 544 -0.57 -6.18 15.42
C VAL A 544 -1.64 -5.75 16.42
N GLY A 545 -2.72 -5.16 15.92
CA GLY A 545 -3.75 -4.59 16.76
C GLY A 545 -4.13 -3.20 16.28
N PRO A 546 -5.28 -2.70 16.72
CA PRO A 546 -5.72 -1.37 16.25
C PRO A 546 -4.68 -0.28 16.47
N ASN A 547 -4.68 0.69 15.55
CA ASN A 547 -3.82 1.88 15.56
C ASN A 547 -2.34 1.57 15.39
N GLY A 548 -1.99 0.34 15.01
CA GLY A 548 -0.58 0.05 14.72
C GLY A 548 0.01 1.03 13.71
N GLY A 549 -0.77 1.35 12.67
CA GLY A 549 -0.27 2.27 11.65
C GLY A 549 0.06 3.64 12.20
N ASP A 550 -0.70 4.10 13.18
CA ASP A 550 -0.42 5.40 13.79
C ASP A 550 0.70 5.35 14.82
N MET A 551 1.11 4.17 15.26
CA MET A 551 2.11 4.03 16.30
C MET A 551 3.47 3.64 15.75
N ILE A 552 3.50 2.98 14.58
CA ILE A 552 4.77 2.48 14.06
C ILE A 552 5.75 3.60 13.75
N GLY A 553 5.25 4.84 13.57
CA GLY A 553 6.13 5.97 13.33
C GLY A 553 7.14 6.20 14.42
N GLU A 554 6.77 5.93 15.67
CA GLU A 554 7.73 6.04 16.77
C GLU A 554 8.87 5.04 16.57
N VAL A 555 8.54 3.83 16.13
CA VAL A 555 9.58 2.84 15.82
C VAL A 555 10.45 3.33 14.67
N CYS A 556 9.83 3.86 13.60
CA CYS A 556 10.61 4.39 12.49
C CYS A 556 11.60 5.43 12.97
N LEU A 557 11.14 6.38 13.79
CA LEU A 557 12.01 7.43 14.28
C LEU A 557 13.12 6.85 15.15
N ALA A 558 12.79 5.86 15.99
CA ALA A 558 13.77 5.27 16.91
C ALA A 558 14.87 4.56 16.13
N ILE A 559 14.53 3.90 15.03
CA ILE A 559 15.55 3.27 14.20
C ILE A 559 16.39 4.34 13.52
N GLU A 560 15.73 5.35 12.95
CA GLU A 560 16.47 6.44 12.30
C GLU A 560 17.48 7.08 13.26
N MET A 561 17.14 7.18 14.53
CA MET A 561 17.99 7.86 15.50
C MET A 561 19.00 6.94 16.16
N GLY A 562 18.99 5.64 15.86
CA GLY A 562 19.93 4.74 16.48
C GLY A 562 19.65 4.40 17.94
N CYS A 563 18.40 4.53 18.37
CA CYS A 563 18.07 4.27 19.77
C CYS A 563 18.42 2.84 20.16
N ASP A 564 18.75 2.66 21.45
CA ASP A 564 18.81 1.35 22.06
C ASP A 564 17.58 1.17 22.96
N ALA A 565 17.54 0.05 23.69
CA ALA A 565 16.35 -0.25 24.50
C ALA A 565 16.21 0.74 25.64
N ALA A 566 17.34 1.18 26.21
CA ALA A 566 17.30 2.15 27.28
C ALA A 566 16.72 3.49 26.83
N ASP A 567 17.03 3.93 25.60
CA ASP A 567 16.46 5.17 25.08
C ASP A 567 14.93 5.11 25.04
N ILE A 568 14.40 4.01 24.53
CA ILE A 568 12.97 3.89 24.35
C ILE A 568 12.28 3.64 25.71
N GLY A 569 12.88 2.80 26.55
CA GLY A 569 12.22 2.43 27.80
C GLY A 569 12.14 3.58 28.80
N LYS A 570 13.17 4.42 28.86
CA LYS A 570 13.13 5.55 29.78
C LYS A 570 12.24 6.68 29.26
N THR A 571 11.90 6.69 27.96
CA THR A 571 10.94 7.65 27.44
C THR A 571 9.58 7.40 28.06
N ILE A 572 8.99 8.42 28.64
CA ILE A 572 7.74 8.29 29.40
C ILE A 572 6.55 8.40 28.44
N HIS A 573 5.91 7.26 28.15
CA HIS A 573 4.71 7.15 27.33
C HIS A 573 3.46 7.31 28.19
N PRO A 574 2.39 7.88 27.64
CA PRO A 574 1.18 8.09 28.45
C PRO A 574 0.45 6.78 28.71
N HIS A 575 -0.14 6.69 29.91
CA HIS A 575 -1.00 5.63 30.42
C HIS A 575 -2.42 6.16 30.55
N PRO A 576 -3.45 5.39 30.15
CA PRO A 576 -3.40 4.09 29.50
C PRO A 576 -3.56 4.20 27.98
N THR A 577 -2.58 3.71 27.25
CA THR A 577 -2.62 3.79 25.79
C THR A 577 -2.12 2.48 25.20
N LEU A 578 -2.43 2.27 23.92
CA LEU A 578 -1.74 1.22 23.17
C LEU A 578 -0.29 1.62 22.85
N GLY A 579 -0.02 2.91 22.66
CA GLY A 579 1.33 3.35 22.30
C GLY A 579 2.38 3.08 23.37
N GLU A 580 1.99 3.09 24.66
CA GLU A 580 2.98 2.81 25.69
C GLU A 580 3.53 1.38 25.60
N SER A 581 2.84 0.49 24.85
CA SER A 581 3.38 -0.85 24.62
C SER A 581 4.76 -0.81 23.96
N ILE A 582 5.07 0.25 23.22
CA ILE A 582 6.40 0.40 22.63
C ILE A 582 7.44 0.58 23.73
N GLY A 583 7.20 1.52 24.65
CA GLY A 583 8.10 1.69 25.78
C GLY A 583 8.20 0.44 26.66
N MET A 584 7.06 -0.23 26.88
CA MET A 584 7.12 -1.40 27.76
C MET A 584 7.81 -2.57 27.08
N ALA A 585 7.66 -2.72 25.77
CA ALA A 585 8.43 -3.75 25.08
C ALA A 585 9.92 -3.48 25.21
N ALA A 586 10.33 -2.21 25.20
CA ALA A 586 11.73 -1.90 25.44
C ALA A 586 12.10 -2.22 26.89
N GLU A 587 11.21 -1.94 27.84
CA GLU A 587 11.45 -2.37 29.22
C GLU A 587 11.62 -3.88 29.30
N VAL A 588 10.83 -4.64 28.52
CA VAL A 588 11.02 -6.08 28.44
C VAL A 588 12.45 -6.40 28.02
N ALA A 589 12.95 -5.69 27.01
CA ALA A 589 14.31 -5.92 26.53
C ALA A 589 15.34 -5.70 27.62
N LEU A 590 15.13 -4.71 28.50
CA LEU A 590 16.05 -4.47 29.60
C LEU A 590 15.78 -5.34 30.82
N GLY A 591 14.71 -6.13 30.81
CA GLY A 591 14.42 -6.98 31.95
C GLY A 591 13.75 -6.31 33.12
N VAL A 592 13.08 -5.17 32.91
CA VAL A 592 12.59 -4.37 34.03
C VAL A 592 11.13 -3.96 33.87
N CYS A 593 10.37 -4.71 33.07
CA CYS A 593 8.93 -4.48 32.95
C CYS A 593 8.19 -5.07 34.14
N THR A 594 7.48 -4.23 34.90
CA THR A 594 6.75 -4.69 36.08
C THR A 594 5.27 -4.92 35.82
N ASP A 595 4.80 -4.73 34.59
CA ASP A 595 3.44 -5.10 34.21
C ASP A 595 3.38 -6.53 33.64
N LEU A 596 4.52 -7.21 33.56
CA LEU A 596 4.66 -8.58 33.14
C LEU A 596 5.32 -9.38 34.26
N PRO A 597 5.25 -10.71 34.20
CA PRO A 597 6.00 -11.52 35.16
C PRO A 597 7.49 -11.27 35.04
N PRO A 598 8.27 -11.56 36.08
CA PRO A 598 9.71 -11.26 36.03
C PRO A 598 10.39 -11.89 34.82
N GLN A 599 11.33 -11.17 34.24
CA GLN A 599 12.03 -11.68 33.06
C GLN A 599 13.55 -11.70 33.23
#